data_6GIL
#
_entry.id   6GIL
#
_entity_poly.entity_id   1
_entity_poly.type   'polypeptide(L)'
_entity_poly.pdbx_seq_one_letter_code
;LLPIVGNLLKSLL
;
_entity_poly.pdbx_strand_id   A
#
# COMPACT_ATOMS: atom_id res chain seq x y z
N LEU A 1 -1.52 2.60 1.63
CA LEU A 1 -0.96 1.67 2.61
C LEU A 1 -1.47 0.26 2.33
N LEU A 2 -2.64 0.16 1.70
CA LEU A 2 -3.23 -1.13 1.36
C LEU A 2 -4.56 -0.93 0.64
N PRO A 3 -5.49 -0.12 1.20
CA PRO A 3 -6.80 0.13 0.57
C PRO A 3 -6.73 1.25 -0.46
N ILE A 4 -6.16 2.39 -0.06
CA ILE A 4 -6.03 3.54 -0.96
C ILE A 4 -4.80 3.38 -1.85
N VAL A 5 -4.30 2.15 -1.95
CA VAL A 5 -3.13 1.87 -2.78
C VAL A 5 -1.95 2.73 -2.30
N GLY A 6 -1.07 2.13 -1.50
CA GLY A 6 0.09 2.84 -1.00
C GLY A 6 1.15 3.02 -2.06
N ASN A 7 1.78 1.92 -2.46
CA ASN A 7 2.82 1.97 -3.49
C ASN A 7 2.82 0.67 -4.27
N LEU A 8 2.24 -0.35 -3.67
CA LEU A 8 2.15 -1.67 -4.29
C LEU A 8 1.28 -2.57 -3.44
N LEU A 9 0.10 -2.05 -3.08
CA LEU A 9 -0.82 -2.81 -2.23
C LEU A 9 -0.17 -3.12 -0.89
N LYS A 10 0.75 -2.24 -0.47
CA LYS A 10 1.44 -2.43 0.80
C LYS A 10 2.21 -1.17 1.18
N SER A 11 2.50 -1.04 2.47
CA SER A 11 3.22 0.13 2.98
C SER A 11 4.51 0.35 2.18
N LEU A 12 5.37 -0.67 2.19
CA LEU A 12 6.66 -0.59 1.47
C LEU A 12 7.58 0.42 2.16
N LEU A 13 7.08 1.05 3.21
CA LEU A 13 7.87 2.04 3.96
C LEU A 13 8.95 1.34 4.77
N LEU A 1 -1.32 0.12 0.70
CA LEU A 1 -2.14 -0.49 1.74
C LEU A 1 -3.60 -0.07 1.58
N LEU A 2 -3.84 1.23 1.57
CA LEU A 2 -5.20 1.74 1.42
C LEU A 2 -5.72 1.46 0.00
N PRO A 3 -7.03 1.24 -0.18
CA PRO A 3 -7.61 0.97 -1.51
C PRO A 3 -6.95 1.81 -2.61
N ILE A 4 -6.61 3.05 -2.28
CA ILE A 4 -5.97 3.94 -3.24
C ILE A 4 -4.50 3.59 -3.42
N VAL A 5 -4.19 2.29 -3.34
CA VAL A 5 -2.81 1.79 -3.50
C VAL A 5 -1.78 2.79 -2.94
N GLY A 6 -1.31 2.53 -1.72
CA GLY A 6 -0.33 3.39 -1.10
C GLY A 6 1.04 3.23 -1.73
N ASN A 7 1.41 1.97 -1.98
CA ASN A 7 2.69 1.65 -2.60
C ASN A 7 2.60 0.26 -3.22
N LEU A 8 1.44 -0.04 -3.78
CA LEU A 8 1.18 -1.34 -4.39
C LEU A 8 0.79 -2.33 -3.30
N LEU A 9 -0.26 -1.98 -2.56
CA LEU A 9 -0.73 -2.82 -1.46
C LEU A 9 0.38 -2.96 -0.42
N LYS A 10 1.38 -2.08 -0.51
CA LYS A 10 2.50 -2.10 0.42
C LYS A 10 3.33 -3.37 0.24
N SER A 11 2.84 -4.30 -0.58
CA SER A 11 3.54 -5.54 -0.82
C SER A 11 4.88 -5.28 -1.51
N LEU A 12 4.81 -4.89 -2.79
CA LEU A 12 6.02 -4.61 -3.54
C LEU A 12 6.88 -5.87 -3.66
N LEU A 13 6.32 -7.01 -3.25
CA LEU A 13 7.04 -8.27 -3.31
C LEU A 13 8.40 -8.14 -2.64
N LEU A 1 0.76 3.15 2.34
CA LEU A 1 0.36 4.18 3.30
C LEU A 1 -1.13 4.46 3.17
N LEU A 2 -1.70 4.14 2.01
CA LEU A 2 -3.13 4.36 1.76
C LEU A 2 -3.89 3.03 1.83
N PRO A 3 -5.16 3.01 2.29
CA PRO A 3 -5.94 1.78 2.37
C PRO A 3 -6.26 1.23 0.98
N ILE A 4 -6.21 2.11 -0.01
CA ILE A 4 -6.48 1.72 -1.39
C ILE A 4 -5.21 1.14 -2.03
N VAL A 5 -4.24 2.02 -2.29
CA VAL A 5 -2.96 1.61 -2.87
C VAL A 5 -1.88 2.62 -2.52
N GLY A 6 -1.05 2.28 -1.53
CA GLY A 6 0.01 3.17 -1.10
C GLY A 6 1.11 3.27 -2.14
N ASN A 7 1.67 2.12 -2.54
CA ASN A 7 2.72 2.08 -3.54
C ASN A 7 2.65 0.78 -4.33
N LEU A 8 2.17 -0.26 -3.67
CA LEU A 8 2.02 -1.56 -4.30
C LEU A 8 1.21 -2.48 -3.38
N LEU A 9 0.11 -1.95 -2.88
CA LEU A 9 -0.76 -2.70 -1.98
C LEU A 9 -0.03 -2.91 -0.65
N LYS A 10 0.75 -1.91 -0.25
CA LYS A 10 1.50 -2.00 1.01
C LYS A 10 2.34 -3.28 1.04
N SER A 11 2.16 -4.10 2.06
CA SER A 11 2.92 -5.34 2.18
C SER A 11 4.41 -5.06 2.18
N LEU A 12 4.87 -4.30 3.18
CA LEU A 12 6.28 -3.96 3.29
C LEU A 12 6.75 -3.19 2.05
N LEU A 13 6.99 -3.91 0.96
CA LEU A 13 7.44 -3.29 -0.27
C LEU A 13 6.27 -2.65 -1.01
N LEU A 1 0.55 4.33 -4.88
CA LEU A 1 0.62 5.79 -4.81
C LEU A 1 -0.78 6.41 -4.89
N LEU A 2 -1.80 5.54 -4.93
CA LEU A 2 -3.19 6.01 -5.01
C LEU A 2 -3.89 5.84 -3.66
N PRO A 3 -4.89 6.70 -3.32
CA PRO A 3 -5.62 6.60 -2.04
C PRO A 3 -5.87 5.15 -1.63
N ILE A 4 -6.28 4.33 -2.60
CA ILE A 4 -6.55 2.93 -2.32
C ILE A 4 -5.28 2.23 -1.84
N VAL A 5 -4.35 1.99 -2.76
CA VAL A 5 -3.08 1.35 -2.42
C VAL A 5 -2.18 2.35 -1.68
N GLY A 6 -0.95 2.53 -2.17
CA GLY A 6 -0.03 3.47 -1.53
C GLY A 6 1.40 3.22 -1.96
N ASN A 7 1.67 2.00 -2.36
CA ASN A 7 3.00 1.62 -2.80
C ASN A 7 2.97 0.20 -3.35
N LEU A 8 1.86 -0.13 -4.01
CA LEU A 8 1.64 -1.46 -4.59
C LEU A 8 1.11 -2.40 -3.51
N LEU A 9 -0.09 -2.09 -3.03
CA LEU A 9 -0.74 -2.89 -1.98
C LEU A 9 0.09 -2.84 -0.71
N LYS A 10 0.81 -1.74 -0.52
CA LYS A 10 1.63 -1.56 0.67
C LYS A 10 2.62 -2.73 0.81
N SER A 11 3.54 -2.58 1.76
CA SER A 11 4.53 -3.63 1.99
C SER A 11 5.24 -3.40 3.33
N LEU A 12 5.01 -2.23 3.92
CA LEU A 12 5.63 -1.89 5.20
C LEU A 12 4.85 -2.52 6.36
N LEU A 13 3.52 -2.46 6.27
CA LEU A 13 2.67 -3.02 7.32
C LEU A 13 3.07 -2.44 8.68
N LEU A 1 -1.64 -0.49 1.38
CA LEU A 1 -2.02 -0.39 2.78
C LEU A 1 -3.22 0.56 2.93
N LEU A 2 -3.17 1.69 2.23
CA LEU A 2 -4.26 2.66 2.29
C LEU A 2 -5.50 2.09 1.61
N PRO A 3 -6.72 2.51 2.02
CA PRO A 3 -7.98 2.02 1.41
C PRO A 3 -7.84 1.83 -0.11
N ILE A 4 -7.05 2.71 -0.74
CA ILE A 4 -6.84 2.66 -2.18
C ILE A 4 -5.53 1.89 -2.47
N VAL A 5 -4.46 2.63 -2.75
CA VAL A 5 -3.16 2.02 -3.05
C VAL A 5 -2.03 2.90 -2.53
N GLY A 6 -1.20 2.34 -1.66
CA GLY A 6 -0.07 3.09 -1.10
C GLY A 6 1.12 3.08 -2.03
N ASN A 7 1.71 1.89 -2.21
CA ASN A 7 2.86 1.73 -3.09
C ASN A 7 2.82 0.34 -3.73
N LEU A 8 1.60 -0.10 -4.04
CA LEU A 8 1.35 -1.41 -4.65
C LEU A 8 1.04 -2.43 -3.57
N LEU A 9 -0.05 -2.20 -2.85
CA LEU A 9 -0.46 -3.11 -1.77
C LEU A 9 0.64 -3.17 -0.71
N LYS A 10 1.28 -2.03 -0.48
CA LYS A 10 2.36 -1.95 0.52
C LYS A 10 2.01 -2.74 1.78
N SER A 11 3.02 -3.07 2.57
CA SER A 11 2.82 -3.83 3.80
C SER A 11 2.54 -5.30 3.49
N LEU A 12 1.40 -5.55 2.85
CA LEU A 12 1.01 -6.91 2.50
C LEU A 12 1.78 -7.38 1.26
N LEU A 13 2.81 -6.63 0.88
CA LEU A 13 3.62 -6.97 -0.28
C LEU A 13 2.73 -7.30 -1.48
N LEU A 1 1.23 4.75 1.63
CA LEU A 1 0.81 3.87 2.70
C LEU A 1 -0.68 4.02 2.97
N LEU A 2 -1.49 3.79 1.92
CA LEU A 2 -2.94 3.89 2.02
C LEU A 2 -3.57 2.49 2.01
N PRO A 3 -4.71 2.29 2.71
CA PRO A 3 -5.37 0.97 2.73
C PRO A 3 -5.83 0.55 1.33
N ILE A 4 -6.06 1.55 0.48
CA ILE A 4 -6.48 1.28 -0.89
C ILE A 4 -5.28 0.92 -1.75
N VAL A 5 -4.27 1.80 -1.76
CA VAL A 5 -3.07 1.56 -2.53
C VAL A 5 -2.01 2.63 -2.22
N GLY A 6 -0.92 2.21 -1.57
CA GLY A 6 0.15 3.12 -1.21
C GLY A 6 1.18 3.25 -2.33
N ASN A 7 1.76 2.12 -2.71
CA ASN A 7 2.77 2.10 -3.78
C ASN A 7 2.81 0.72 -4.43
N LEU A 8 2.35 -0.28 -3.69
CA LEU A 8 2.33 -1.65 -4.19
C LEU A 8 1.43 -2.50 -3.31
N LEU A 9 0.22 -2.02 -3.06
CA LEU A 9 -0.73 -2.73 -2.22
C LEU A 9 -0.21 -2.81 -0.78
N LYS A 10 0.55 -1.81 -0.37
CA LYS A 10 1.10 -1.78 0.98
C LYS A 10 1.92 -3.04 1.25
N SER A 11 2.75 -3.01 2.29
CA SER A 11 3.59 -4.15 2.65
C SER A 11 3.91 -4.13 4.14
N LEU A 12 4.02 -2.94 4.70
CA LEU A 12 4.32 -2.80 6.12
C LEU A 12 3.12 -3.24 6.97
N LEU A 13 3.02 -4.54 7.22
CA LEU A 13 1.93 -5.08 8.02
C LEU A 13 1.98 -4.52 9.44
N LEU A 1 1.60 4.38 2.32
CA LEU A 1 1.05 3.28 3.10
C LEU A 1 -0.44 3.50 3.35
N LEU A 2 -1.22 3.42 2.26
CA LEU A 2 -2.67 3.60 2.35
C LEU A 2 -3.38 2.24 2.30
N PRO A 3 -4.55 2.08 2.96
CA PRO A 3 -5.27 0.79 2.94
C PRO A 3 -5.69 0.41 1.53
N ILE A 4 -5.87 1.42 0.68
CA ILE A 4 -6.26 1.19 -0.71
C ILE A 4 -5.04 0.79 -1.53
N VAL A 5 -4.04 1.66 -1.55
CA VAL A 5 -2.81 1.38 -2.29
C VAL A 5 -1.77 2.46 -2.01
N GLY A 6 -0.66 2.05 -1.38
CA GLY A 6 0.42 2.98 -1.05
C GLY A 6 1.36 3.17 -2.22
N ASN A 7 1.80 2.05 -2.79
CA ASN A 7 2.72 2.08 -3.93
C ASN A 7 2.76 0.72 -4.60
N LEU A 8 2.26 -0.28 -3.90
CA LEU A 8 2.23 -1.64 -4.42
C LEU A 8 1.39 -2.53 -3.51
N LEU A 9 0.19 -2.05 -3.19
CA LEU A 9 -0.71 -2.80 -2.31
C LEU A 9 -0.10 -2.93 -0.92
N LYS A 10 0.68 -1.94 -0.52
CA LYS A 10 1.32 -1.94 0.80
C LYS A 10 0.34 -1.56 1.89
N SER A 11 0.56 -2.05 3.10
CA SER A 11 -0.31 -1.75 4.23
C SER A 11 -1.77 -1.99 3.86
N LEU A 12 -2.24 -3.20 4.11
CA LEU A 12 -3.63 -3.55 3.80
C LEU A 12 -4.56 -2.94 4.84
N LEU A 13 -4.28 -3.21 6.12
CA LEU A 13 -5.10 -2.68 7.20
C LEU A 13 -4.36 -2.81 8.54
N LEU A 1 -1.06 0.23 5.30
CA LEU A 1 -1.31 0.55 3.89
C LEU A 1 -2.56 1.40 3.74
N LEU A 2 -2.75 1.97 2.55
CA LEU A 2 -3.92 2.81 2.27
C LEU A 2 -5.07 1.94 1.76
N PRO A 3 -6.33 2.37 1.96
CA PRO A 3 -7.50 1.60 1.50
C PRO A 3 -7.50 1.47 -0.02
N ILE A 4 -6.88 2.43 -0.70
CA ILE A 4 -6.79 2.41 -2.16
C ILE A 4 -5.50 1.73 -2.60
N VAL A 5 -4.38 2.40 -2.36
CA VAL A 5 -3.08 1.85 -2.73
C VAL A 5 -1.95 2.72 -2.19
N GLY A 6 -1.03 2.11 -1.45
CA GLY A 6 0.10 2.84 -0.89
C GLY A 6 1.21 3.02 -1.89
N ASN A 7 1.70 1.91 -2.43
CA ASN A 7 2.77 1.95 -3.44
C ASN A 7 2.72 0.67 -4.27
N LEU A 8 2.19 -0.38 -3.67
CA LEU A 8 2.06 -1.67 -4.33
C LEU A 8 1.26 -2.61 -3.45
N LEU A 9 0.06 -2.16 -3.07
CA LEU A 9 -0.79 -2.95 -2.18
C LEU A 9 -0.09 -3.17 -0.86
N LYS A 10 0.85 -2.28 -0.54
CA LYS A 10 1.61 -2.37 0.71
C LYS A 10 2.14 -1.00 1.12
N SER A 11 2.45 -0.85 2.40
CA SER A 11 2.97 0.42 2.90
C SER A 11 4.44 0.60 2.52
N LEU A 12 4.91 -0.25 1.61
CA LEU A 12 6.30 -0.18 1.16
C LEU A 12 6.52 1.04 0.28
N LEU A 13 6.75 2.18 0.89
CA LEU A 13 6.98 3.42 0.15
C LEU A 13 8.25 3.31 -0.69
N LEU A 1 1.38 5.09 0.83
CA LEU A 1 1.41 4.00 1.80
C LEU A 1 0.02 3.76 2.38
N LEU A 2 -1.01 3.88 1.53
CA LEU A 2 -2.38 3.67 1.97
C LEU A 2 -2.75 2.18 1.88
N PRO A 3 -3.68 1.69 2.73
CA PRO A 3 -4.09 0.28 2.71
C PRO A 3 -5.04 -0.02 1.55
N ILE A 4 -4.85 0.67 0.43
CA ILE A 4 -5.69 0.47 -0.76
C ILE A 4 -4.87 0.61 -2.03
N VAL A 5 -4.07 1.67 -2.12
CA VAL A 5 -3.22 1.90 -3.30
C VAL A 5 -2.01 2.74 -2.92
N GLY A 6 -1.32 2.35 -1.85
CA GLY A 6 -0.14 3.06 -1.42
C GLY A 6 1.07 2.71 -2.27
N ASN A 7 1.95 1.87 -1.72
CA ASN A 7 3.14 1.43 -2.45
C ASN A 7 2.84 0.11 -3.13
N LEU A 8 1.73 0.07 -3.85
CA LEU A 8 1.28 -1.14 -4.53
C LEU A 8 0.90 -2.18 -3.49
N LEU A 9 -0.26 -1.96 -2.86
CA LEU A 9 -0.73 -2.85 -1.82
C LEU A 9 0.23 -2.84 -0.65
N LYS A 10 0.99 -1.74 -0.53
CA LYS A 10 1.96 -1.60 0.55
C LYS A 10 3.01 -2.71 0.46
N SER A 11 3.17 -3.49 1.54
CA SER A 11 4.15 -4.57 1.55
C SER A 11 5.50 -4.08 1.05
N LEU A 12 6.26 -3.45 1.94
CA LEU A 12 7.58 -2.94 1.57
C LEU A 12 8.46 -4.08 1.08
N LEU A 13 7.97 -5.31 1.24
CA LEU A 13 8.74 -6.48 0.82
C LEU A 13 8.78 -6.55 -0.71
N LEU A 1 -3.05 -1.20 4.61
CA LEU A 1 -3.14 -0.81 3.21
C LEU A 1 -4.13 0.34 3.05
N LEU A 2 -3.76 1.30 2.21
CA LEU A 2 -4.62 2.47 1.96
C LEU A 2 -5.75 2.08 0.98
N PRO A 3 -6.91 2.76 1.05
CA PRO A 3 -8.04 2.47 0.17
C PRO A 3 -7.79 2.98 -1.26
N ILE A 4 -6.51 3.19 -1.59
CA ILE A 4 -6.13 3.68 -2.91
C ILE A 4 -4.70 3.25 -3.24
N VAL A 5 -4.27 2.15 -2.64
CA VAL A 5 -2.92 1.63 -2.88
C VAL A 5 -1.88 2.66 -2.48
N GLY A 6 -1.05 2.31 -1.50
CA GLY A 6 0.00 3.21 -1.04
C GLY A 6 1.15 3.28 -2.02
N ASN A 7 1.60 2.11 -2.48
CA ASN A 7 2.71 2.04 -3.44
C ASN A 7 2.55 0.79 -4.31
N LEU A 8 2.10 -0.29 -3.69
CA LEU A 8 1.89 -1.55 -4.38
C LEU A 8 1.15 -2.51 -3.45
N LEU A 9 0.09 -2.00 -2.84
CA LEU A 9 -0.71 -2.79 -1.91
C LEU A 9 0.06 -2.96 -0.60
N LYS A 10 0.84 -1.93 -0.26
CA LYS A 10 1.63 -1.96 0.97
C LYS A 10 2.43 -3.27 1.06
N SER A 11 2.32 -3.97 2.19
CA SER A 11 3.04 -5.23 2.36
C SER A 11 4.53 -5.02 2.09
N LEU A 12 5.20 -4.38 3.04
CA LEU A 12 6.63 -4.13 2.90
C LEU A 12 7.41 -5.45 2.89
N LEU A 13 7.17 -6.27 3.91
CA LEU A 13 7.84 -7.56 4.01
C LEU A 13 7.29 -8.54 2.98
N LEU A 1 -1.71 -2.10 1.05
CA LEU A 1 -2.67 -2.53 2.07
C LEU A 1 -3.63 -1.39 2.40
N LEU A 2 -3.26 -0.17 2.02
CA LEU A 2 -4.09 1.00 2.29
C LEU A 2 -5.29 1.03 1.34
N PRO A 3 -6.45 1.57 1.78
CA PRO A 3 -7.65 1.64 0.91
C PRO A 3 -7.53 2.75 -0.13
N ILE A 4 -6.35 2.87 -0.73
CA ILE A 4 -6.11 3.89 -1.74
C ILE A 4 -4.84 3.56 -2.52
N VAL A 5 -4.38 2.32 -2.38
CA VAL A 5 -3.17 1.89 -3.09
C VAL A 5 -1.99 2.76 -2.71
N GLY A 6 -1.21 2.31 -1.72
CA GLY A 6 -0.04 3.06 -1.27
C GLY A 6 1.17 2.78 -2.12
N ASN A 7 1.94 1.75 -1.74
CA ASN A 7 3.14 1.35 -2.48
C ASN A 7 2.84 0.08 -3.26
N LEU A 8 1.64 0.02 -3.81
CA LEU A 8 1.20 -1.15 -4.57
C LEU A 8 0.86 -2.28 -3.59
N LEU A 9 -0.28 -2.13 -2.91
CA LEU A 9 -0.70 -3.11 -1.92
C LEU A 9 0.39 -3.29 -0.88
N LYS A 10 1.18 -2.24 -0.67
CA LYS A 10 2.27 -2.29 0.31
C LYS A 10 2.51 -0.91 0.91
N SER A 11 3.50 -0.80 1.77
CA SER A 11 3.83 0.47 2.40
C SER A 11 5.19 0.41 3.08
N LEU A 12 6.21 0.05 2.31
CA LEU A 12 7.57 -0.04 2.84
C LEU A 12 7.93 1.23 3.61
N LEU A 13 7.87 2.36 2.91
CA LEU A 13 8.19 3.64 3.53
C LEU A 13 7.38 3.81 4.82
N LEU A 1 0.59 6.64 -1.01
CA LEU A 1 -0.52 6.42 -0.09
C LEU A 1 -1.84 6.84 -0.75
N LEU A 2 -2.26 6.10 -1.76
CA LEU A 2 -3.50 6.41 -2.46
C LEU A 2 -4.70 6.03 -1.58
N PRO A 3 -5.89 6.60 -1.85
CA PRO A 3 -7.11 6.32 -1.08
C PRO A 3 -7.19 4.89 -0.56
N ILE A 4 -6.54 3.95 -1.25
CA ILE A 4 -6.55 2.54 -0.83
C ILE A 4 -5.22 1.86 -1.13
N VAL A 5 -4.68 2.08 -2.33
CA VAL A 5 -3.40 1.47 -2.69
C VAL A 5 -2.27 2.15 -1.91
N GLY A 6 -1.21 2.56 -2.62
CA GLY A 6 -0.07 3.22 -1.97
C GLY A 6 1.24 2.80 -2.63
N ASN A 7 2.01 1.99 -1.92
CA ASN A 7 3.29 1.50 -2.44
C ASN A 7 3.08 0.15 -3.11
N LEU A 8 1.94 0.03 -3.80
CA LEU A 8 1.57 -1.22 -4.46
C LEU A 8 0.94 -2.15 -3.42
N LEU A 9 -0.16 -1.68 -2.84
CA LEU A 9 -0.85 -2.44 -1.81
C LEU A 9 0.10 -2.70 -0.65
N LYS A 10 1.04 -1.77 -0.45
CA LYS A 10 2.01 -1.90 0.64
C LYS A 10 2.79 -3.19 0.50
N SER A 11 3.68 -3.45 1.45
CA SER A 11 4.49 -4.66 1.43
C SER A 11 5.17 -4.87 2.79
N LEU A 12 5.80 -3.81 3.28
CA LEU A 12 6.49 -3.88 4.58
C LEU A 12 5.47 -3.78 5.71
N LEU A 13 4.26 -4.25 5.46
CA LEU A 13 3.20 -4.20 6.48
C LEU A 13 3.05 -2.77 7.00
N LEU A 1 1.61 6.57 1.82
CA LEU A 1 0.95 5.27 1.74
C LEU A 1 -0.56 5.41 1.96
N LEU A 2 -1.31 4.42 1.48
CA LEU A 2 -2.77 4.43 1.62
C LEU A 2 -3.27 3.02 1.95
N PRO A 3 -4.42 2.88 2.67
CA PRO A 3 -4.96 1.55 3.02
C PRO A 3 -5.65 0.87 1.83
N ILE A 4 -5.29 1.30 0.62
CA ILE A 4 -5.88 0.73 -0.60
C ILE A 4 -4.83 0.68 -1.72
N VAL A 5 -4.14 1.80 -1.93
CA VAL A 5 -3.12 1.88 -2.98
C VAL A 5 -1.99 2.82 -2.55
N GLY A 6 -1.14 2.35 -1.65
CA GLY A 6 -0.03 3.14 -1.18
C GLY A 6 1.08 3.25 -2.21
N ASN A 7 1.66 2.10 -2.57
CA ASN A 7 2.72 2.06 -3.56
C ASN A 7 2.67 0.75 -4.33
N LEU A 8 2.29 -0.31 -3.62
CA LEU A 8 2.17 -1.64 -4.21
C LEU A 8 1.30 -2.50 -3.30
N LEU A 9 0.16 -1.94 -2.90
CA LEU A 9 -0.77 -2.63 -2.02
C LEU A 9 -0.07 -2.89 -0.68
N LYS A 10 0.76 -1.94 -0.27
CA LYS A 10 1.50 -2.07 1.00
C LYS A 10 2.31 -3.35 1.02
N SER A 11 3.32 -3.39 1.90
CA SER A 11 4.18 -4.57 2.01
C SER A 11 3.48 -5.66 2.83
N LEU A 12 2.15 -5.65 2.83
CA LEU A 12 1.39 -6.63 3.56
C LEU A 12 1.73 -6.59 5.06
N LEU A 13 2.87 -7.17 5.42
CA LEU A 13 3.29 -7.19 6.82
C LEU A 13 3.75 -5.79 7.24
N LEU A 1 -1.82 3.98 1.93
CA LEU A 1 -0.90 3.00 2.50
C LEU A 1 -1.35 1.58 2.13
N LEU A 2 -2.57 1.46 1.64
CA LEU A 2 -3.11 0.15 1.26
C LEU A 2 -4.46 0.30 0.53
N PRO A 3 -5.50 0.89 1.16
CA PRO A 3 -6.81 1.06 0.50
C PRO A 3 -6.67 1.79 -0.84
N ILE A 4 -6.30 3.07 -0.78
CA ILE A 4 -6.12 3.86 -1.99
C ILE A 4 -4.80 3.53 -2.66
N VAL A 5 -4.34 2.30 -2.48
CA VAL A 5 -3.08 1.86 -3.08
C VAL A 5 -1.94 2.75 -2.62
N GLY A 6 -1.21 2.30 -1.60
CA GLY A 6 -0.09 3.06 -1.07
C GLY A 6 1.01 3.20 -2.11
N ASN A 7 1.65 2.08 -2.45
CA ASN A 7 2.73 2.07 -3.44
C ASN A 7 2.65 0.78 -4.24
N LEU A 8 2.13 -0.26 -3.61
CA LEU A 8 1.97 -1.56 -4.23
C LEU A 8 1.20 -2.47 -3.29
N LEU A 9 0.07 -1.96 -2.79
CA LEU A 9 -0.74 -2.71 -1.85
C LEU A 9 0.06 -3.00 -0.60
N LYS A 10 0.89 -2.03 -0.21
CA LYS A 10 1.73 -2.18 0.98
C LYS A 10 2.69 -3.35 0.80
N SER A 11 3.77 -3.34 1.58
CA SER A 11 4.77 -4.41 1.51
C SER A 11 5.68 -4.36 2.73
N LEU A 12 6.35 -3.23 2.92
CA LEU A 12 7.25 -3.06 4.05
C LEU A 12 8.28 -4.20 4.08
N LEU A 13 8.94 -4.41 2.95
CA LEU A 13 9.94 -5.46 2.84
C LEU A 13 9.36 -6.80 3.31
N LEU A 1 1.35 4.14 2.15
CA LEU A 1 1.01 3.11 3.11
C LEU A 1 -0.52 3.05 3.29
N LEU A 2 -1.25 3.29 2.21
CA LEU A 2 -2.71 3.26 2.25
C LEU A 2 -3.20 1.82 2.11
N PRO A 3 -4.35 1.47 2.73
CA PRO A 3 -4.90 0.10 2.63
C PRO A 3 -5.41 -0.19 1.22
N ILE A 4 -5.63 0.88 0.46
CA ILE A 4 -6.11 0.74 -0.92
C ILE A 4 -4.94 0.56 -1.88
N VAL A 5 -4.01 1.52 -1.86
CA VAL A 5 -2.85 1.44 -2.73
C VAL A 5 -1.85 2.55 -2.39
N GLY A 6 -0.89 2.24 -1.52
CA GLY A 6 0.12 3.20 -1.11
C GLY A 6 1.26 3.29 -2.10
N ASN A 7 1.70 2.13 -2.60
CA ASN A 7 2.79 2.07 -3.56
C ASN A 7 2.74 0.77 -4.34
N LEU A 8 2.21 -0.28 -3.70
CA LEU A 8 2.09 -1.58 -4.33
C LEU A 8 1.26 -2.50 -3.44
N LEU A 9 0.09 -2.02 -3.03
CA LEU A 9 -0.79 -2.80 -2.16
C LEU A 9 -0.18 -2.88 -0.76
N LYS A 10 0.44 -1.77 -0.34
CA LYS A 10 1.06 -1.72 0.98
C LYS A 10 2.20 -2.76 1.07
N SER A 11 2.22 -3.52 2.15
CA SER A 11 3.25 -4.55 2.35
C SER A 11 2.63 -5.94 2.29
N LEU A 12 1.66 -6.11 1.40
CA LEU A 12 0.99 -7.40 1.25
C LEU A 12 0.49 -7.91 2.60
N LEU A 13 -0.26 -7.06 3.30
CA LEU A 13 -0.79 -7.44 4.62
C LEU A 13 -1.43 -8.82 4.57
N LEU A 1 1.52 6.45 1.53
CA LEU A 1 1.29 5.08 1.98
C LEU A 1 -0.16 4.92 2.45
N LEU A 2 -0.92 4.08 1.74
CA LEU A 2 -2.33 3.83 2.08
C LEU A 2 -2.59 2.31 2.09
N PRO A 3 -3.51 1.82 2.94
CA PRO A 3 -3.81 0.37 3.01
C PRO A 3 -4.48 -0.12 1.72
N ILE A 4 -5.13 0.80 1.01
CA ILE A 4 -5.82 0.45 -0.24
C ILE A 4 -4.82 0.40 -1.39
N VAL A 5 -3.89 1.34 -1.40
CA VAL A 5 -2.87 1.38 -2.45
C VAL A 5 -1.82 2.45 -2.13
N GLY A 6 -0.77 2.04 -1.44
CA GLY A 6 0.30 2.94 -1.06
C GLY A 6 1.31 3.11 -2.18
N ASN A 7 1.88 2.00 -2.62
CA ASN A 7 2.87 2.01 -3.70
C ASN A 7 2.87 0.67 -4.43
N LEU A 8 2.32 -0.33 -3.76
CA LEU A 8 2.22 -1.66 -4.32
C LEU A 8 1.27 -2.50 -3.47
N LEU A 9 0.08 -1.95 -3.24
CA LEU A 9 -0.92 -2.62 -2.42
C LEU A 9 -0.35 -2.93 -1.05
N LYS A 10 0.46 -2.01 -0.52
CA LYS A 10 1.09 -2.20 0.79
C LYS A 10 1.30 -0.85 1.48
N SER A 11 1.18 -0.85 2.80
CA SER A 11 1.37 0.37 3.58
C SER A 11 1.37 0.07 5.07
N LEU A 12 1.62 -1.20 5.42
CA LEU A 12 1.65 -1.62 6.81
C LEU A 12 2.63 -2.77 7.01
N LEU A 13 3.92 -2.44 7.03
CA LEU A 13 4.95 -3.45 7.22
C LEU A 13 4.84 -4.08 8.60
N LEU A 1 1.70 2.20 1.94
CA LEU A 1 1.41 2.15 3.36
C LEU A 1 -0.03 2.64 3.62
N LEU A 2 -0.71 3.06 2.56
CA LEU A 2 -2.09 3.54 2.69
C LEU A 2 -3.09 2.41 2.39
N PRO A 3 -4.28 2.40 3.02
CA PRO A 3 -5.28 1.35 2.79
C PRO A 3 -5.95 1.50 1.42
N ILE A 4 -5.32 2.31 0.55
CA ILE A 4 -5.85 2.55 -0.80
C ILE A 4 -4.69 2.64 -1.79
N VAL A 5 -3.96 1.54 -1.92
CA VAL A 5 -2.82 1.50 -2.83
C VAL A 5 -1.80 2.57 -2.48
N GLY A 6 -0.92 2.25 -1.54
CA GLY A 6 0.10 3.19 -1.11
C GLY A 6 1.21 3.31 -2.15
N ASN A 7 1.65 2.16 -2.64
CA ASN A 7 2.71 2.12 -3.65
C ASN A 7 2.66 0.79 -4.40
N LEU A 8 2.17 -0.24 -3.71
CA LEU A 8 2.05 -1.56 -4.30
C LEU A 8 1.23 -2.46 -3.36
N LEU A 9 0.06 -1.95 -2.96
CA LEU A 9 -0.82 -2.70 -2.06
C LEU A 9 -0.15 -2.80 -0.68
N LYS A 10 0.71 -1.82 -0.37
CA LYS A 10 1.41 -1.79 0.91
C LYS A 10 1.84 -3.20 1.35
N SER A 11 2.17 -3.35 2.64
CA SER A 11 2.59 -4.64 3.15
C SER A 11 2.57 -4.65 4.68
N LEU A 12 2.26 -3.49 5.26
CA LEU A 12 2.21 -3.35 6.72
C LEU A 12 3.62 -3.25 7.29
N LEU A 13 4.49 -4.17 6.87
CA LEU A 13 5.88 -4.17 7.34
C LEU A 13 6.51 -2.80 7.11
N LEU A 1 2.43 3.07 2.09
CA LEU A 1 2.08 2.37 3.32
C LEU A 1 0.63 2.64 3.70
N LEU A 2 -0.22 2.83 2.69
CA LEU A 2 -1.63 3.11 2.93
C LEU A 2 -2.42 1.79 2.99
N PRO A 3 -3.55 1.75 3.73
CA PRO A 3 -4.37 0.52 3.84
C PRO A 3 -5.10 0.19 2.55
N ILE A 4 -4.52 0.60 1.42
CA ILE A 4 -5.11 0.34 0.11
C ILE A 4 -4.01 0.25 -0.94
N VAL A 5 -3.81 1.33 -1.72
CA VAL A 5 -2.78 1.37 -2.76
C VAL A 5 -1.76 2.47 -2.44
N GLY A 6 -0.88 2.19 -1.49
CA GLY A 6 0.13 3.15 -1.10
C GLY A 6 1.23 3.27 -2.14
N ASN A 7 1.75 2.11 -2.57
CA ASN A 7 2.81 2.08 -3.59
C ASN A 7 2.73 0.79 -4.37
N LEU A 8 2.19 -0.25 -3.73
CA LEU A 8 2.05 -1.54 -4.37
C LEU A 8 1.22 -2.47 -3.50
N LEU A 9 0.08 -1.95 -3.04
CA LEU A 9 -0.80 -2.73 -2.17
C LEU A 9 -0.21 -2.83 -0.76
N LYS A 10 0.34 -1.72 -0.29
CA LYS A 10 0.95 -1.69 1.04
C LYS A 10 2.11 -2.68 1.12
N SER A 11 3.00 -2.47 2.08
CA SER A 11 4.16 -3.35 2.26
C SER A 11 4.73 -3.20 3.66
N LEU A 12 3.87 -3.38 4.67
CA LEU A 12 4.30 -3.27 6.05
C LEU A 12 5.44 -4.25 6.35
N LEU A 13 5.44 -5.37 5.64
CA LEU A 13 6.47 -6.39 5.82
C LEU A 13 6.44 -7.41 4.68
N LEU A 1 -1.09 5.36 -4.58
CA LEU A 1 -1.11 6.69 -3.99
C LEU A 1 -2.51 7.01 -3.45
N LEU A 2 -3.21 5.97 -2.98
CA LEU A 2 -4.57 6.12 -2.43
C LEU A 2 -4.65 5.40 -1.08
N PRO A 3 -5.50 5.88 -0.13
CA PRO A 3 -5.65 5.23 1.18
C PRO A 3 -5.57 3.70 1.09
N ILE A 4 -6.24 3.14 0.09
CA ILE A 4 -6.24 1.70 -0.09
C ILE A 4 -4.88 1.23 -0.59
N VAL A 5 -4.50 1.66 -1.79
CA VAL A 5 -3.21 1.29 -2.37
C VAL A 5 -2.09 2.10 -1.72
N GLY A 6 -1.10 2.49 -2.51
CA GLY A 6 0.03 3.26 -2.01
C GLY A 6 1.32 2.84 -2.69
N ASN A 7 2.07 1.97 -2.02
CA ASN A 7 3.33 1.46 -2.55
C ASN A 7 3.07 0.08 -3.14
N LEU A 8 2.05 -0.01 -3.98
CA LEU A 8 1.65 -1.27 -4.61
C LEU A 8 1.07 -2.19 -3.55
N LEU A 9 -0.14 -1.85 -3.10
CA LEU A 9 -0.82 -2.63 -2.07
C LEU A 9 -0.04 -2.57 -0.76
N LYS A 10 0.84 -1.58 -0.66
CA LYS A 10 1.66 -1.41 0.55
C LYS A 10 2.17 -2.75 1.07
N SER A 11 1.42 -3.38 1.97
CA SER A 11 1.80 -4.67 2.53
C SER A 11 3.27 -4.67 2.93
N LEU A 12 3.82 -3.49 3.19
CA LEU A 12 5.22 -3.36 3.58
C LEU A 12 6.12 -4.05 2.55
N LEU A 13 5.88 -3.76 1.28
CA LEU A 13 6.67 -4.35 0.21
C LEU A 13 8.15 -4.05 0.42
N LEU A 1 1.21 6.01 3.02
CA LEU A 1 0.56 4.90 2.33
C LEU A 1 -0.96 5.00 2.42
N LEU A 2 -1.64 4.53 1.38
CA LEU A 2 -3.11 4.58 1.34
C LEU A 2 -3.68 3.24 1.83
N PRO A 3 -4.91 3.23 2.38
CA PRO A 3 -5.53 1.99 2.87
C PRO A 3 -6.01 1.08 1.72
N ILE A 4 -5.41 1.25 0.55
CA ILE A 4 -5.79 0.44 -0.62
C ILE A 4 -4.65 0.37 -1.64
N VAL A 5 -3.98 1.50 -1.90
CA VAL A 5 -2.88 1.55 -2.86
C VAL A 5 -1.86 2.62 -2.48
N GLY A 6 -0.96 2.28 -1.56
CA GLY A 6 0.07 3.22 -1.13
C GLY A 6 1.21 3.29 -2.13
N ASN A 7 1.69 2.12 -2.57
CA ASN A 7 2.79 2.07 -3.53
C ASN A 7 2.72 0.76 -4.32
N LEU A 8 2.18 -0.26 -3.67
CA LEU A 8 2.04 -1.57 -4.29
C LEU A 8 1.23 -2.47 -3.38
N LEU A 9 0.05 -1.99 -2.99
CA LEU A 9 -0.82 -2.74 -2.09
C LEU A 9 -0.15 -2.88 -0.73
N LYS A 10 0.52 -1.82 -0.29
CA LYS A 10 1.22 -1.84 0.99
C LYS A 10 2.28 -2.94 1.00
N SER A 11 3.26 -2.79 1.90
CA SER A 11 4.33 -3.78 2.00
C SER A 11 5.13 -3.57 3.28
N LEU A 12 4.78 -2.53 4.03
CA LEU A 12 5.47 -2.23 5.28
C LEU A 12 6.97 -2.14 5.05
N LEU A 13 7.37 -1.49 3.95
CA LEU A 13 8.79 -1.34 3.64
C LEU A 13 9.47 -2.70 3.62
#